data_295D
# 
_entry.id   295D 
# 
_audit_conform.dict_name       mmcif_pdbx.dic 
_audit_conform.dict_version    5.387 
_audit_conform.dict_location   http://mmcif.pdb.org/dictionaries/ascii/mmcif_pdbx.dic 
# 
loop_
_database_2.database_id 
_database_2.database_code 
_database_2.pdbx_database_accession 
_database_2.pdbx_DOI 
PDB   295D         pdb_0000295d 10.2210/pdb295d/pdb 
RCSB  ADH033       ?            ?                   
WWPDB D_1000177708 ?            ?                   
# 
loop_
_pdbx_audit_revision_history.ordinal 
_pdbx_audit_revision_history.data_content_type 
_pdbx_audit_revision_history.major_revision 
_pdbx_audit_revision_history.minor_revision 
_pdbx_audit_revision_history.revision_date 
1 'Structure model' 1 0 1996-12-04 
2 'Structure model' 1 1 2008-05-22 
3 'Structure model' 1 2 2011-07-13 
4 'Structure model' 1 3 2012-02-22 
5 'Structure model' 1 4 2024-02-14 
# 
_pdbx_audit_revision_details.ordinal             1 
_pdbx_audit_revision_details.revision_ordinal    1 
_pdbx_audit_revision_details.data_content_type   'Structure model' 
_pdbx_audit_revision_details.provider            repository 
_pdbx_audit_revision_details.type                'Initial release' 
_pdbx_audit_revision_details.description         ? 
_pdbx_audit_revision_details.details             ? 
# 
loop_
_pdbx_audit_revision_group.ordinal 
_pdbx_audit_revision_group.revision_ordinal 
_pdbx_audit_revision_group.data_content_type 
_pdbx_audit_revision_group.group 
1 2 'Structure model' 'Version format compliance' 
2 3 'Structure model' 'Version format compliance' 
3 4 'Structure model' 'Database references'       
4 5 'Structure model' 'Data collection'           
5 5 'Structure model' 'Database references'       
# 
loop_
_pdbx_audit_revision_category.ordinal 
_pdbx_audit_revision_category.revision_ordinal 
_pdbx_audit_revision_category.data_content_type 
_pdbx_audit_revision_category.category 
1 5 'Structure model' chem_comp_atom 
2 5 'Structure model' chem_comp_bond 
3 5 'Structure model' database_2     
# 
loop_
_pdbx_audit_revision_item.ordinal 
_pdbx_audit_revision_item.revision_ordinal 
_pdbx_audit_revision_item.data_content_type 
_pdbx_audit_revision_item.item 
1 5 'Structure model' '_database_2.pdbx_DOI'                
2 5 'Structure model' '_database_2.pdbx_database_accession' 
# 
_pdbx_database_status.status_code                     REL 
_pdbx_database_status.entry_id                        295D 
_pdbx_database_status.recvd_initial_deposition_date   1991-05-28 
_pdbx_database_status.deposit_site                    NDB 
_pdbx_database_status.process_site                    NDB 
_pdbx_database_status.SG_entry                        . 
_pdbx_database_status.status_code_sf                  ? 
_pdbx_database_status.status_code_mr                  ? 
_pdbx_database_status.status_code_cs                  ? 
_pdbx_database_status.methods_development_category    ? 
_pdbx_database_status.pdb_format_compatible           Y 
_pdbx_database_status.status_code_nmr_data            ? 
# 
loop_
_audit_author.name 
_audit_author.pdbx_ordinal 
'Clark, G.R.'     1  
'Brown, D.G.'     2  
'Sanderson, M.R.' 3  
'Chwalinski, T.'  4  
'Neidle, S.'      5  
'Veal, J.M.'      6  
'Jones, R.L.'     7  
'Wilson, W.D.'    8  
'Zon, G.'         9  
'Garman, E.'      10 
'Stuart, D.I.'    11 
# 
_citation.id                        primary 
_citation.title                     
'Crystal and solution structures of the oligonucleotide d(ATGCGCAT)2: a combined X-ray and NMR study.' 
_citation.journal_abbrev            'Nucleic Acids Res.' 
_citation.journal_volume            18 
_citation.page_first                5521 
_citation.page_last                 5528 
_citation.year                      1990 
_citation.journal_id_ASTM           NARHAD 
_citation.country                   UK 
_citation.journal_id_ISSN           0305-1048 
_citation.journal_id_CSD            0389 
_citation.book_publisher            ? 
_citation.pdbx_database_id_PubMed   2216724 
_citation.pdbx_database_id_DOI      10.1093/nar/18.18.5521 
# 
loop_
_citation_author.citation_id 
_citation_author.name 
_citation_author.ordinal 
_citation_author.identifier_ORCID 
primary 'Clark, G.R.'     1  ? 
primary 'Brown, D.G.'     2  ? 
primary 'Sanderson, M.R.' 3  ? 
primary 'Chwalinski, T.'  4  ? 
primary 'Neidle, S.'      5  ? 
primary 'Veal, J.M.'      6  ? 
primary 'Jones, R.L.'     7  ? 
primary 'Wilson, W.D.'    8  ? 
primary 'Zon, G.'         9  ? 
primary 'Garman, E.'      10 ? 
primary 'Stuart, D.I.'    11 ? 
# 
loop_
_entity.id 
_entity.type 
_entity.src_method 
_entity.pdbx_description 
_entity.formula_weight 
_entity.pdbx_number_of_molecules 
_entity.pdbx_ec 
_entity.pdbx_mutation 
_entity.pdbx_fragment 
_entity.details 
1 polymer syn 
;DNA (5'-D(*AP*TP*GP*CP*GP*CP*AP*T)-3')
;
2426.617 1  ? ? ? ? 
2 water   nat water                                    18.015   52 ? ? ? ? 
# 
_entity_poly.entity_id                      1 
_entity_poly.type                           polydeoxyribonucleotide 
_entity_poly.nstd_linkage                   no 
_entity_poly.nstd_monomer                   no 
_entity_poly.pdbx_seq_one_letter_code       '(DA)(DT)(DG)(DC)(DG)(DC)(DA)(DT)' 
_entity_poly.pdbx_seq_one_letter_code_can   ATGCGCAT 
_entity_poly.pdbx_strand_id                 A 
_entity_poly.pdbx_target_identifier         ? 
# 
_pdbx_entity_nonpoly.entity_id   2 
_pdbx_entity_nonpoly.name        water 
_pdbx_entity_nonpoly.comp_id     HOH 
# 
loop_
_entity_poly_seq.entity_id 
_entity_poly_seq.num 
_entity_poly_seq.mon_id 
_entity_poly_seq.hetero 
1 1 DA n 
1 2 DT n 
1 3 DG n 
1 4 DC n 
1 5 DG n 
1 6 DC n 
1 7 DA n 
1 8 DT n 
# 
loop_
_chem_comp.id 
_chem_comp.type 
_chem_comp.mon_nstd_flag 
_chem_comp.name 
_chem_comp.pdbx_synonyms 
_chem_comp.formula 
_chem_comp.formula_weight 
DA  'DNA linking' y "2'-DEOXYADENOSINE-5'-MONOPHOSPHATE" ? 'C10 H14 N5 O6 P' 331.222 
DC  'DNA linking' y "2'-DEOXYCYTIDINE-5'-MONOPHOSPHATE"  ? 'C9 H14 N3 O7 P'  307.197 
DG  'DNA linking' y "2'-DEOXYGUANOSINE-5'-MONOPHOSPHATE" ? 'C10 H14 N5 O7 P' 347.221 
DT  'DNA linking' y "THYMIDINE-5'-MONOPHOSPHATE"         ? 'C10 H15 N2 O8 P' 322.208 
HOH non-polymer   . WATER                                ? 'H2 O'            18.015  
# 
loop_
_pdbx_poly_seq_scheme.asym_id 
_pdbx_poly_seq_scheme.entity_id 
_pdbx_poly_seq_scheme.seq_id 
_pdbx_poly_seq_scheme.mon_id 
_pdbx_poly_seq_scheme.ndb_seq_num 
_pdbx_poly_seq_scheme.pdb_seq_num 
_pdbx_poly_seq_scheme.auth_seq_num 
_pdbx_poly_seq_scheme.pdb_mon_id 
_pdbx_poly_seq_scheme.auth_mon_id 
_pdbx_poly_seq_scheme.pdb_strand_id 
_pdbx_poly_seq_scheme.pdb_ins_code 
_pdbx_poly_seq_scheme.hetero 
A 1 1 DA 1 1 1 DA A A . n 
A 1 2 DT 2 2 2 DT T A . n 
A 1 3 DG 3 3 3 DG G A . n 
A 1 4 DC 4 4 4 DC C A . n 
A 1 5 DG 5 5 5 DG G A . n 
A 1 6 DC 6 6 6 DC C A . n 
A 1 7 DA 7 7 7 DA A A . n 
A 1 8 DT 8 8 8 DT T A . n 
# 
loop_
_pdbx_nonpoly_scheme.asym_id 
_pdbx_nonpoly_scheme.entity_id 
_pdbx_nonpoly_scheme.mon_id 
_pdbx_nonpoly_scheme.ndb_seq_num 
_pdbx_nonpoly_scheme.pdb_seq_num 
_pdbx_nonpoly_scheme.auth_seq_num 
_pdbx_nonpoly_scheme.pdb_mon_id 
_pdbx_nonpoly_scheme.auth_mon_id 
_pdbx_nonpoly_scheme.pdb_strand_id 
_pdbx_nonpoly_scheme.pdb_ins_code 
B 2 HOH 1  9  9  HOH HOH A . 
B 2 HOH 2  10 10 HOH HOH A . 
B 2 HOH 3  11 11 HOH HOH A . 
B 2 HOH 4  12 12 HOH HOH A . 
B 2 HOH 5  13 13 HOH HOH A . 
B 2 HOH 6  14 14 HOH HOH A . 
B 2 HOH 7  15 15 HOH HOH A . 
B 2 HOH 8  16 16 HOH HOH A . 
B 2 HOH 9  17 17 HOH HOH A . 
B 2 HOH 10 18 18 HOH HOH A . 
B 2 HOH 11 19 19 HOH HOH A . 
B 2 HOH 12 20 20 HOH HOH A . 
B 2 HOH 13 21 21 HOH HOH A . 
B 2 HOH 14 22 22 HOH HOH A . 
B 2 HOH 15 23 23 HOH HOH A . 
B 2 HOH 16 24 24 HOH HOH A . 
B 2 HOH 17 25 25 HOH HOH A . 
B 2 HOH 18 26 26 HOH HOH A . 
B 2 HOH 19 27 27 HOH HOH A . 
B 2 HOH 20 28 28 HOH HOH A . 
B 2 HOH 21 29 29 HOH HOH A . 
B 2 HOH 22 30 30 HOH HOH A . 
B 2 HOH 23 31 31 HOH HOH A . 
B 2 HOH 24 32 32 HOH HOH A . 
B 2 HOH 25 33 33 HOH HOH A . 
B 2 HOH 26 34 34 HOH HOH A . 
B 2 HOH 27 35 35 HOH HOH A . 
B 2 HOH 28 36 36 HOH HOH A . 
B 2 HOH 29 37 37 HOH HOH A . 
B 2 HOH 30 38 38 HOH HOH A . 
B 2 HOH 31 39 39 HOH HOH A . 
B 2 HOH 32 40 40 HOH HOH A . 
B 2 HOH 33 41 41 HOH HOH A . 
B 2 HOH 34 42 42 HOH HOH A . 
B 2 HOH 35 43 43 HOH HOH A . 
B 2 HOH 36 44 44 HOH HOH A . 
B 2 HOH 37 45 45 HOH HOH A . 
B 2 HOH 38 46 46 HOH HOH A . 
B 2 HOH 39 47 47 HOH HOH A . 
B 2 HOH 40 48 48 HOH HOH A . 
B 2 HOH 41 49 49 HOH HOH A . 
B 2 HOH 42 50 50 HOH HOH A . 
B 2 HOH 43 51 51 HOH HOH A . 
B 2 HOH 44 52 52 HOH HOH A . 
B 2 HOH 45 53 53 HOH HOH A . 
B 2 HOH 46 54 54 HOH HOH A . 
B 2 HOH 47 55 55 HOH HOH A . 
B 2 HOH 48 56 56 HOH HOH A . 
B 2 HOH 49 57 57 HOH HOH A . 
B 2 HOH 50 58 58 HOH HOH A . 
B 2 HOH 51 59 59 HOH HOH A . 
B 2 HOH 52 60 60 HOH HOH A . 
# 
_software.name             NUCLSQ 
_software.classification   refinement 
_software.version          . 
_software.citation_id      ? 
_software.pdbx_ordinal     1 
# 
_cell.entry_id           295D 
_cell.length_a           42.406 
_cell.length_b           42.406 
_cell.length_c           24.902 
_cell.angle_alpha        90.00 
_cell.angle_beta         90.00 
_cell.angle_gamma        90.00 
_cell.Z_PDB              8 
_cell.pdbx_unique_axis   ? 
_cell.length_a_esd       ? 
_cell.length_b_esd       ? 
_cell.length_c_esd       ? 
_cell.angle_alpha_esd    ? 
_cell.angle_beta_esd     ? 
_cell.angle_gamma_esd    ? 
# 
_symmetry.entry_id                         295D 
_symmetry.space_group_name_H-M             'P 43 21 2' 
_symmetry.pdbx_full_space_group_name_H-M   ? 
_symmetry.cell_setting                     ? 
_symmetry.Int_Tables_number                96 
_symmetry.space_group_name_Hall            ? 
# 
_exptl.entry_id          295D 
_exptl.method            'X-RAY DIFFRACTION' 
_exptl.crystals_number   ? 
# 
_exptl_crystal.id                    1 
_exptl_crystal.density_meas          ? 
_exptl_crystal.density_percent_sol   46.68 
_exptl_crystal.density_Matthews      2.31 
_exptl_crystal.description           ? 
_exptl_crystal.F_000                 ? 
_exptl_crystal.preparation           ? 
# 
_exptl_crystal_grow.crystal_id      1 
_exptl_crystal_grow.method          'VAPOR DIFFUSION, HANGING DROP' 
_exptl_crystal_grow.temp            ? 
_exptl_crystal_grow.temp_details    ? 
_exptl_crystal_grow.pH              ? 
_exptl_crystal_grow.pdbx_details    'VAPOR DIFFUSION, HANGING DROP' 
_exptl_crystal_grow.pdbx_pH_range   ? 
# 
loop_
_exptl_crystal_grow_comp.crystal_id 
_exptl_crystal_grow_comp.id 
_exptl_crystal_grow_comp.sol_id 
_exptl_crystal_grow_comp.name 
_exptl_crystal_grow_comp.volume 
_exptl_crystal_grow_comp.conc 
_exptl_crystal_grow_comp.details 
1 1 1 WATER ? ? ? 
1 2 1 MPD   ? ? ? 
# 
_diffrn.id                     1 
_diffrn.crystal_id             1 
_diffrn.ambient_temp           ? 
_diffrn.ambient_temp_details   ? 
# 
_diffrn_detector.diffrn_id              1 
_diffrn_detector.detector               'AREA DETECTOR' 
_diffrn_detector.type                   XENTRONICS 
_diffrn_detector.pdbx_collection_date   ? 
_diffrn_detector.details                ? 
# 
_diffrn_radiation.diffrn_id                        1 
_diffrn_radiation.wavelength_id                    1 
_diffrn_radiation.pdbx_monochromatic_or_laue_m_l   ? 
_diffrn_radiation.monochromator                    ? 
_diffrn_radiation.pdbx_diffrn_protocol             ? 
_diffrn_radiation.pdbx_scattering_type             x-ray 
# 
_diffrn_radiation_wavelength.id           1 
_diffrn_radiation_wavelength.wavelength   . 
_diffrn_radiation_wavelength.wt           1.0 
# 
_diffrn_source.diffrn_id                   1 
_diffrn_source.source                      'ROTATING ANODE' 
_diffrn_source.type                        ? 
_diffrn_source.pdbx_synchrotron_site       ? 
_diffrn_source.pdbx_synchrotron_beamline   ? 
_diffrn_source.pdbx_wavelength             ? 
_diffrn_source.pdbx_wavelength_list        ? 
# 
_refine.entry_id                                 295D 
_refine.ls_number_reflns_obs                     ? 
_refine.ls_number_reflns_all                     ? 
_refine.pdbx_ls_sigma_I                          ? 
_refine.pdbx_ls_sigma_F                          ? 
_refine.pdbx_data_cutoff_high_absF               ? 
_refine.pdbx_data_cutoff_low_absF                ? 
_refine.pdbx_data_cutoff_high_rms_absF           ? 
_refine.ls_d_res_low                             ? 
_refine.ls_d_res_high                            1.500 
_refine.ls_percent_reflns_obs                    ? 
_refine.ls_R_factor_obs                          0.1770000 
_refine.ls_R_factor_all                          ? 
_refine.ls_R_factor_R_work                       ? 
_refine.ls_R_factor_R_free                       ? 
_refine.ls_R_factor_R_free_error                 ? 
_refine.ls_R_factor_R_free_error_details         ? 
_refine.ls_percent_reflns_R_free                 ? 
_refine.ls_number_reflns_R_free                  ? 
_refine.ls_number_parameters                     ? 
_refine.ls_number_restraints                     ? 
_refine.occupancy_min                            ? 
_refine.occupancy_max                            ? 
_refine.B_iso_mean                               ? 
_refine.aniso_B[1][1]                            ? 
_refine.aniso_B[2][2]                            ? 
_refine.aniso_B[3][3]                            ? 
_refine.aniso_B[1][2]                            ? 
_refine.aniso_B[1][3]                            ? 
_refine.aniso_B[2][3]                            ? 
_refine.solvent_model_details                    ? 
_refine.solvent_model_param_ksol                 ? 
_refine.solvent_model_param_bsol                 ? 
_refine.pdbx_ls_cross_valid_method               ? 
_refine.details                                  ? 
_refine.pdbx_starting_model                      ? 
_refine.pdbx_method_to_determine_struct          ? 
_refine.pdbx_isotropic_thermal_model             ? 
_refine.pdbx_stereochemistry_target_values       ? 
_refine.pdbx_stereochem_target_val_spec_case     ? 
_refine.pdbx_R_Free_selection_details            ? 
_refine.pdbx_overall_ESU_R                       ? 
_refine.pdbx_overall_ESU_R_Free                  ? 
_refine.overall_SU_ML                            ? 
_refine.overall_SU_B                             ? 
_refine.pdbx_refine_id                           'X-RAY DIFFRACTION' 
_refine.ls_redundancy_reflns_obs                 ? 
_refine.pdbx_overall_phase_error                 ? 
_refine.correlation_coeff_Fo_to_Fc               ? 
_refine.correlation_coeff_Fo_to_Fc_free          ? 
_refine.pdbx_solvent_vdw_probe_radii             ? 
_refine.pdbx_solvent_ion_probe_radii             ? 
_refine.pdbx_solvent_shrinkage_radii             ? 
_refine.overall_SU_R_Cruickshank_DPI             ? 
_refine.overall_SU_R_free                        ? 
_refine.ls_wR_factor_R_free                      ? 
_refine.ls_wR_factor_R_work                      ? 
_refine.overall_FOM_free_R_set                   ? 
_refine.overall_FOM_work_R_set                   ? 
_refine.pdbx_diffrn_id                           1 
_refine.pdbx_TLS_residual_ADP_flag               ? 
_refine.pdbx_overall_SU_R_free_Cruickshank_DPI   ? 
_refine.pdbx_overall_SU_R_Blow_DPI               ? 
_refine.pdbx_overall_SU_R_free_Blow_DPI          ? 
# 
_refine_hist.pdbx_refine_id                   'X-RAY DIFFRACTION' 
_refine_hist.cycle_id                         LAST 
_refine_hist.pdbx_number_atoms_protein        0 
_refine_hist.pdbx_number_atoms_nucleic_acid   161 
_refine_hist.pdbx_number_atoms_ligand         0 
_refine_hist.number_atoms_solvent             52 
_refine_hist.number_atoms_total               213 
_refine_hist.d_res_high                       1.500 
_refine_hist.d_res_low                        . 
# 
_struct.entry_id                  295D 
_struct.title                     
'CRYSTAL AND SOLUTION STRUCTURES OF THE OLIGONUCLEOTIDE D(ATGCGCAT)2: A COMBINED X-RAY AND NMR STUDY' 
_struct.pdbx_model_details        ? 
_struct.pdbx_CASP_flag            ? 
_struct.pdbx_model_type_details   ? 
# 
_struct_keywords.entry_id        295D 
_struct_keywords.pdbx_keywords   DNA 
_struct_keywords.text            'A-DNA, DOUBLE HELIX, DNA' 
# 
loop_
_struct_asym.id 
_struct_asym.pdbx_blank_PDB_chainid_flag 
_struct_asym.pdbx_modified 
_struct_asym.entity_id 
_struct_asym.details 
A N N 1 ? 
B N N 2 ? 
# 
_struct_ref.id                         1 
_struct_ref.entity_id                  1 
_struct_ref.db_name                    PDB 
_struct_ref.db_code                    295D 
_struct_ref.pdbx_db_accession          295D 
_struct_ref.pdbx_align_begin           ? 
_struct_ref.pdbx_seq_one_letter_code   ? 
_struct_ref.pdbx_db_isoform            ? 
# 
_struct_ref_seq.align_id                      1 
_struct_ref_seq.ref_id                        1 
_struct_ref_seq.pdbx_PDB_id_code              295D 
_struct_ref_seq.pdbx_strand_id                A 
_struct_ref_seq.seq_align_beg                 1 
_struct_ref_seq.pdbx_seq_align_beg_ins_code   ? 
_struct_ref_seq.seq_align_end                 8 
_struct_ref_seq.pdbx_seq_align_end_ins_code   ? 
_struct_ref_seq.pdbx_db_accession             295D 
_struct_ref_seq.db_align_beg                  1 
_struct_ref_seq.pdbx_db_align_beg_ins_code    ? 
_struct_ref_seq.db_align_end                  8 
_struct_ref_seq.pdbx_db_align_end_ins_code    ? 
_struct_ref_seq.pdbx_auth_seq_align_beg       1 
_struct_ref_seq.pdbx_auth_seq_align_end       8 
# 
_pdbx_struct_assembly.id                   1 
_pdbx_struct_assembly.details              author_defined_assembly 
_pdbx_struct_assembly.method_details       ? 
_pdbx_struct_assembly.oligomeric_details   dimeric 
_pdbx_struct_assembly.oligomeric_count     2 
# 
_pdbx_struct_assembly_gen.assembly_id       1 
_pdbx_struct_assembly_gen.oper_expression   1,2 
_pdbx_struct_assembly_gen.asym_id_list      A,B 
# 
loop_
_pdbx_struct_oper_list.id 
_pdbx_struct_oper_list.type 
_pdbx_struct_oper_list.name 
_pdbx_struct_oper_list.symmetry_operation 
_pdbx_struct_oper_list.matrix[1][1] 
_pdbx_struct_oper_list.matrix[1][2] 
_pdbx_struct_oper_list.matrix[1][3] 
_pdbx_struct_oper_list.vector[1] 
_pdbx_struct_oper_list.matrix[2][1] 
_pdbx_struct_oper_list.matrix[2][2] 
_pdbx_struct_oper_list.matrix[2][3] 
_pdbx_struct_oper_list.vector[2] 
_pdbx_struct_oper_list.matrix[3][1] 
_pdbx_struct_oper_list.matrix[3][2] 
_pdbx_struct_oper_list.matrix[3][3] 
_pdbx_struct_oper_list.vector[3] 
1 'identity operation'         1_555 x,y,z  1.0000000000 0.0000000000 0.0000000000 0.0000000000 0.0000000000 1.0000000000  0.0000000000 0.0000000000 0.0000000000 0.0000000000 1.0000000000  0.0000000000  
2 'crystal symmetry operation' 7_555 y,x,-z 0.0418192698 0.6655393876 0.7451902255 1.1330222124 0.6655393876 -0.5748373165 0.4760455683 4.0543085341 0.7451902255 0.4760455683 -0.4669819533 -5.2049882841 
# 
_struct_biol.id        1 
_struct_biol.details   ? 
# 
loop_
_struct_conn.id 
_struct_conn.conn_type_id 
_struct_conn.pdbx_leaving_atom_flag 
_struct_conn.pdbx_PDB_id 
_struct_conn.ptnr1_label_asym_id 
_struct_conn.ptnr1_label_comp_id 
_struct_conn.ptnr1_label_seq_id 
_struct_conn.ptnr1_label_atom_id 
_struct_conn.pdbx_ptnr1_label_alt_id 
_struct_conn.pdbx_ptnr1_PDB_ins_code 
_struct_conn.pdbx_ptnr1_standard_comp_id 
_struct_conn.ptnr1_symmetry 
_struct_conn.ptnr2_label_asym_id 
_struct_conn.ptnr2_label_comp_id 
_struct_conn.ptnr2_label_seq_id 
_struct_conn.ptnr2_label_atom_id 
_struct_conn.pdbx_ptnr2_label_alt_id 
_struct_conn.pdbx_ptnr2_PDB_ins_code 
_struct_conn.ptnr1_auth_asym_id 
_struct_conn.ptnr1_auth_comp_id 
_struct_conn.ptnr1_auth_seq_id 
_struct_conn.ptnr2_auth_asym_id 
_struct_conn.ptnr2_auth_comp_id 
_struct_conn.ptnr2_auth_seq_id 
_struct_conn.ptnr2_symmetry 
_struct_conn.pdbx_ptnr3_label_atom_id 
_struct_conn.pdbx_ptnr3_label_seq_id 
_struct_conn.pdbx_ptnr3_label_comp_id 
_struct_conn.pdbx_ptnr3_label_asym_id 
_struct_conn.pdbx_ptnr3_label_alt_id 
_struct_conn.pdbx_ptnr3_PDB_ins_code 
_struct_conn.details 
_struct_conn.pdbx_dist_value 
_struct_conn.pdbx_value_order 
_struct_conn.pdbx_role 
hydrog1  hydrog ? ? A DA 1 N1 ? ? ? 1_555 A DT 8 N3 ? ? A DA 1 A DT 8 7_555 ? ? ? ? ? ? WATSON-CRICK ? ? ? 
hydrog2  hydrog ? ? A DA 1 N6 ? ? ? 1_555 A DT 8 O4 ? ? A DA 1 A DT 8 7_555 ? ? ? ? ? ? WATSON-CRICK ? ? ? 
hydrog3  hydrog ? ? A DT 2 N3 ? ? ? 1_555 A DA 7 N1 ? ? A DT 2 A DA 7 7_555 ? ? ? ? ? ? WATSON-CRICK ? ? ? 
hydrog4  hydrog ? ? A DT 2 O4 ? ? ? 1_555 A DA 7 N6 ? ? A DT 2 A DA 7 7_555 ? ? ? ? ? ? WATSON-CRICK ? ? ? 
hydrog5  hydrog ? ? A DG 3 N1 ? ? ? 1_555 A DC 6 N3 ? ? A DG 3 A DC 6 7_555 ? ? ? ? ? ? WATSON-CRICK ? ? ? 
hydrog6  hydrog ? ? A DG 3 N2 ? ? ? 1_555 A DC 6 O2 ? ? A DG 3 A DC 6 7_555 ? ? ? ? ? ? WATSON-CRICK ? ? ? 
hydrog7  hydrog ? ? A DG 3 O6 ? ? ? 1_555 A DC 6 N4 ? ? A DG 3 A DC 6 7_555 ? ? ? ? ? ? WATSON-CRICK ? ? ? 
hydrog8  hydrog ? ? A DC 4 N3 ? ? ? 1_555 A DG 5 N1 ? ? A DC 4 A DG 5 7_555 ? ? ? ? ? ? WATSON-CRICK ? ? ? 
hydrog9  hydrog ? ? A DC 4 N4 ? ? ? 1_555 A DG 5 O6 ? ? A DC 4 A DG 5 7_555 ? ? ? ? ? ? WATSON-CRICK ? ? ? 
hydrog10 hydrog ? ? A DC 4 O2 ? ? ? 1_555 A DG 5 N2 ? ? A DC 4 A DG 5 7_555 ? ? ? ? ? ? WATSON-CRICK ? ? ? 
hydrog11 hydrog ? ? A DG 5 N1 ? ? ? 1_555 A DC 4 N3 ? ? A DG 5 A DC 4 7_555 ? ? ? ? ? ? WATSON-CRICK ? ? ? 
hydrog12 hydrog ? ? A DG 5 N2 ? ? ? 1_555 A DC 4 O2 ? ? A DG 5 A DC 4 7_555 ? ? ? ? ? ? WATSON-CRICK ? ? ? 
hydrog13 hydrog ? ? A DG 5 O6 ? ? ? 1_555 A DC 4 N4 ? ? A DG 5 A DC 4 7_555 ? ? ? ? ? ? WATSON-CRICK ? ? ? 
hydrog14 hydrog ? ? A DC 6 N3 ? ? ? 1_555 A DG 3 N1 ? ? A DC 6 A DG 3 7_555 ? ? ? ? ? ? WATSON-CRICK ? ? ? 
hydrog15 hydrog ? ? A DC 6 N4 ? ? ? 1_555 A DG 3 O6 ? ? A DC 6 A DG 3 7_555 ? ? ? ? ? ? WATSON-CRICK ? ? ? 
hydrog16 hydrog ? ? A DC 6 O2 ? ? ? 1_555 A DG 3 N2 ? ? A DC 6 A DG 3 7_555 ? ? ? ? ? ? WATSON-CRICK ? ? ? 
hydrog17 hydrog ? ? A DA 7 N1 ? ? ? 1_555 A DT 2 N3 ? ? A DA 7 A DT 2 7_555 ? ? ? ? ? ? WATSON-CRICK ? ? ? 
hydrog18 hydrog ? ? A DA 7 N6 ? ? ? 1_555 A DT 2 O4 ? ? A DA 7 A DT 2 7_555 ? ? ? ? ? ? WATSON-CRICK ? ? ? 
hydrog19 hydrog ? ? A DT 8 N3 ? ? ? 1_555 A DA 1 N1 ? ? A DT 8 A DA 1 7_555 ? ? ? ? ? ? WATSON-CRICK ? ? ? 
hydrog20 hydrog ? ? A DT 8 O4 ? ? ? 1_555 A DA 1 N6 ? ? A DT 8 A DA 1 7_555 ? ? ? ? ? ? WATSON-CRICK ? ? ? 
# 
_struct_conn_type.id          hydrog 
_struct_conn_type.criteria    ? 
_struct_conn_type.reference   ? 
# 
loop_
_pdbx_validate_rmsd_angle.id 
_pdbx_validate_rmsd_angle.PDB_model_num 
_pdbx_validate_rmsd_angle.auth_atom_id_1 
_pdbx_validate_rmsd_angle.auth_asym_id_1 
_pdbx_validate_rmsd_angle.auth_comp_id_1 
_pdbx_validate_rmsd_angle.auth_seq_id_1 
_pdbx_validate_rmsd_angle.PDB_ins_code_1 
_pdbx_validate_rmsd_angle.label_alt_id_1 
_pdbx_validate_rmsd_angle.auth_atom_id_2 
_pdbx_validate_rmsd_angle.auth_asym_id_2 
_pdbx_validate_rmsd_angle.auth_comp_id_2 
_pdbx_validate_rmsd_angle.auth_seq_id_2 
_pdbx_validate_rmsd_angle.PDB_ins_code_2 
_pdbx_validate_rmsd_angle.label_alt_id_2 
_pdbx_validate_rmsd_angle.auth_atom_id_3 
_pdbx_validate_rmsd_angle.auth_asym_id_3 
_pdbx_validate_rmsd_angle.auth_comp_id_3 
_pdbx_validate_rmsd_angle.auth_seq_id_3 
_pdbx_validate_rmsd_angle.PDB_ins_code_3 
_pdbx_validate_rmsd_angle.label_alt_id_3 
_pdbx_validate_rmsd_angle.angle_value 
_pdbx_validate_rmsd_angle.angle_target_value 
_pdbx_validate_rmsd_angle.angle_deviation 
_pdbx_validate_rmsd_angle.angle_standard_deviation 
_pdbx_validate_rmsd_angle.linker_flag 
1  1 "O4'" A DA 1 ? ? "C1'" A DA 1 ? ? N9    A DA 1 ? ? 110.31 108.30 2.01   0.30 N 
2  1 C6    A DA 1 ? ? N1    A DA 1 ? ? C2    A DA 1 ? ? 122.34 118.60 3.74   0.60 N 
3  1 N1    A DA 1 ? ? C2    A DA 1 ? ? N3    A DA 1 ? ? 125.04 129.30 -4.26  0.50 N 
4  1 "O4'" A DT 2 ? ? "C1'" A DT 2 ? ? N1    A DT 2 ? ? 112.40 108.30 4.10   0.30 N 
5  1 "O5'" A DG 3 ? ? "C5'" A DG 3 ? ? "C4'" A DG 3 ? ? 104.16 109.40 -5.24  0.80 N 
6  1 "O4'" A DG 3 ? ? "C1'" A DG 3 ? ? N9    A DG 3 ? ? 112.79 108.30 4.49   0.30 N 
7  1 N3    A DG 3 ? ? C2    A DG 3 ? ? N2    A DG 3 ? ? 115.66 119.90 -4.24  0.70 N 
8  1 N3    A DC 4 ? ? C4    A DC 4 ? ? C5    A DC 4 ? ? 118.91 121.90 -2.99  0.40 N 
9  1 N3    A DC 4 ? ? C4    A DC 4 ? ? N4    A DC 4 ? ? 124.24 118.00 6.24   0.70 N 
10 1 "O3'" A DC 4 ? ? P     A DG 5 ? ? OP2   A DG 5 ? ? 117.19 110.50 6.69   1.10 Y 
11 1 "O4'" A DG 5 ? ? "C1'" A DG 5 ? ? N9    A DG 5 ? ? 112.62 108.30 4.32   0.30 N 
12 1 C5    A DG 5 ? ? C6    A DG 5 ? ? N1    A DG 5 ? ? 115.35 111.50 3.85   0.50 N 
13 1 C5    A DG 5 ? ? C6    A DG 5 ? ? O6    A DG 5 ? ? 123.30 128.60 -5.30  0.60 N 
14 1 "O5'" A DC 6 ? ? P     A DC 6 ? ? OP2   A DC 6 ? ? 120.65 110.70 9.95   1.20 N 
15 1 "O5'" A DC 6 ? ? "C5'" A DC 6 ? ? "C4'" A DC 6 ? ? 104.45 109.40 -4.95  0.80 N 
16 1 C2    A DC 6 ? ? N3    A DC 6 ? ? C4    A DC 6 ? ? 122.99 119.90 3.09   0.50 N 
17 1 C6    A DA 7 ? ? N1    A DA 7 ? ? C2    A DA 7 ? ? 124.82 118.60 6.22   0.60 N 
18 1 N1    A DA 7 ? ? C2    A DA 7 ? ? N3    A DA 7 ? ? 125.52 129.30 -3.78  0.50 N 
19 1 C5    A DA 7 ? ? C6    A DA 7 ? ? N1    A DA 7 ? ? 113.21 117.70 -4.49  0.50 N 
20 1 OP1   A DT 8 ? ? P     A DT 8 ? ? OP2   A DT 8 ? ? 106.91 119.60 -12.69 1.50 N 
21 1 "O5'" A DT 8 ? ? P     A DT 8 ? ? OP2   A DT 8 ? ? 123.15 110.70 12.45  1.20 N 
22 1 "O4'" A DT 8 ? ? "C1'" A DT 8 ? ? N1    A DT 8 ? ? 112.71 108.30 4.41   0.30 N 
# 
loop_
_chem_comp_atom.comp_id 
_chem_comp_atom.atom_id 
_chem_comp_atom.type_symbol 
_chem_comp_atom.pdbx_aromatic_flag 
_chem_comp_atom.pdbx_stereo_config 
_chem_comp_atom.pdbx_ordinal 
DA  OP3    O N N 1   
DA  P      P N N 2   
DA  OP1    O N N 3   
DA  OP2    O N N 4   
DA  "O5'"  O N N 5   
DA  "C5'"  C N N 6   
DA  "C4'"  C N R 7   
DA  "O4'"  O N N 8   
DA  "C3'"  C N S 9   
DA  "O3'"  O N N 10  
DA  "C2'"  C N N 11  
DA  "C1'"  C N R 12  
DA  N9     N Y N 13  
DA  C8     C Y N 14  
DA  N7     N Y N 15  
DA  C5     C Y N 16  
DA  C6     C Y N 17  
DA  N6     N N N 18  
DA  N1     N Y N 19  
DA  C2     C Y N 20  
DA  N3     N Y N 21  
DA  C4     C Y N 22  
DA  HOP3   H N N 23  
DA  HOP2   H N N 24  
DA  "H5'"  H N N 25  
DA  "H5''" H N N 26  
DA  "H4'"  H N N 27  
DA  "H3'"  H N N 28  
DA  "HO3'" H N N 29  
DA  "H2'"  H N N 30  
DA  "H2''" H N N 31  
DA  "H1'"  H N N 32  
DA  H8     H N N 33  
DA  H61    H N N 34  
DA  H62    H N N 35  
DA  H2     H N N 36  
DC  OP3    O N N 37  
DC  P      P N N 38  
DC  OP1    O N N 39  
DC  OP2    O N N 40  
DC  "O5'"  O N N 41  
DC  "C5'"  C N N 42  
DC  "C4'"  C N R 43  
DC  "O4'"  O N N 44  
DC  "C3'"  C N S 45  
DC  "O3'"  O N N 46  
DC  "C2'"  C N N 47  
DC  "C1'"  C N R 48  
DC  N1     N N N 49  
DC  C2     C N N 50  
DC  O2     O N N 51  
DC  N3     N N N 52  
DC  C4     C N N 53  
DC  N4     N N N 54  
DC  C5     C N N 55  
DC  C6     C N N 56  
DC  HOP3   H N N 57  
DC  HOP2   H N N 58  
DC  "H5'"  H N N 59  
DC  "H5''" H N N 60  
DC  "H4'"  H N N 61  
DC  "H3'"  H N N 62  
DC  "HO3'" H N N 63  
DC  "H2'"  H N N 64  
DC  "H2''" H N N 65  
DC  "H1'"  H N N 66  
DC  H41    H N N 67  
DC  H42    H N N 68  
DC  H5     H N N 69  
DC  H6     H N N 70  
DG  OP3    O N N 71  
DG  P      P N N 72  
DG  OP1    O N N 73  
DG  OP2    O N N 74  
DG  "O5'"  O N N 75  
DG  "C5'"  C N N 76  
DG  "C4'"  C N R 77  
DG  "O4'"  O N N 78  
DG  "C3'"  C N S 79  
DG  "O3'"  O N N 80  
DG  "C2'"  C N N 81  
DG  "C1'"  C N R 82  
DG  N9     N Y N 83  
DG  C8     C Y N 84  
DG  N7     N Y N 85  
DG  C5     C Y N 86  
DG  C6     C N N 87  
DG  O6     O N N 88  
DG  N1     N N N 89  
DG  C2     C N N 90  
DG  N2     N N N 91  
DG  N3     N N N 92  
DG  C4     C Y N 93  
DG  HOP3   H N N 94  
DG  HOP2   H N N 95  
DG  "H5'"  H N N 96  
DG  "H5''" H N N 97  
DG  "H4'"  H N N 98  
DG  "H3'"  H N N 99  
DG  "HO3'" H N N 100 
DG  "H2'"  H N N 101 
DG  "H2''" H N N 102 
DG  "H1'"  H N N 103 
DG  H8     H N N 104 
DG  H1     H N N 105 
DG  H21    H N N 106 
DG  H22    H N N 107 
DT  OP3    O N N 108 
DT  P      P N N 109 
DT  OP1    O N N 110 
DT  OP2    O N N 111 
DT  "O5'"  O N N 112 
DT  "C5'"  C N N 113 
DT  "C4'"  C N R 114 
DT  "O4'"  O N N 115 
DT  "C3'"  C N S 116 
DT  "O3'"  O N N 117 
DT  "C2'"  C N N 118 
DT  "C1'"  C N R 119 
DT  N1     N N N 120 
DT  C2     C N N 121 
DT  O2     O N N 122 
DT  N3     N N N 123 
DT  C4     C N N 124 
DT  O4     O N N 125 
DT  C5     C N N 126 
DT  C7     C N N 127 
DT  C6     C N N 128 
DT  HOP3   H N N 129 
DT  HOP2   H N N 130 
DT  "H5'"  H N N 131 
DT  "H5''" H N N 132 
DT  "H4'"  H N N 133 
DT  "H3'"  H N N 134 
DT  "HO3'" H N N 135 
DT  "H2'"  H N N 136 
DT  "H2''" H N N 137 
DT  "H1'"  H N N 138 
DT  H3     H N N 139 
DT  H71    H N N 140 
DT  H72    H N N 141 
DT  H73    H N N 142 
DT  H6     H N N 143 
HOH O      O N N 144 
HOH H1     H N N 145 
HOH H2     H N N 146 
# 
loop_
_chem_comp_bond.comp_id 
_chem_comp_bond.atom_id_1 
_chem_comp_bond.atom_id_2 
_chem_comp_bond.value_order 
_chem_comp_bond.pdbx_aromatic_flag 
_chem_comp_bond.pdbx_stereo_config 
_chem_comp_bond.pdbx_ordinal 
DA  OP3   P      sing N N 1   
DA  OP3   HOP3   sing N N 2   
DA  P     OP1    doub N N 3   
DA  P     OP2    sing N N 4   
DA  P     "O5'"  sing N N 5   
DA  OP2   HOP2   sing N N 6   
DA  "O5'" "C5'"  sing N N 7   
DA  "C5'" "C4'"  sing N N 8   
DA  "C5'" "H5'"  sing N N 9   
DA  "C5'" "H5''" sing N N 10  
DA  "C4'" "O4'"  sing N N 11  
DA  "C4'" "C3'"  sing N N 12  
DA  "C4'" "H4'"  sing N N 13  
DA  "O4'" "C1'"  sing N N 14  
DA  "C3'" "O3'"  sing N N 15  
DA  "C3'" "C2'"  sing N N 16  
DA  "C3'" "H3'"  sing N N 17  
DA  "O3'" "HO3'" sing N N 18  
DA  "C2'" "C1'"  sing N N 19  
DA  "C2'" "H2'"  sing N N 20  
DA  "C2'" "H2''" sing N N 21  
DA  "C1'" N9     sing N N 22  
DA  "C1'" "H1'"  sing N N 23  
DA  N9    C8     sing Y N 24  
DA  N9    C4     sing Y N 25  
DA  C8    N7     doub Y N 26  
DA  C8    H8     sing N N 27  
DA  N7    C5     sing Y N 28  
DA  C5    C6     sing Y N 29  
DA  C5    C4     doub Y N 30  
DA  C6    N6     sing N N 31  
DA  C6    N1     doub Y N 32  
DA  N6    H61    sing N N 33  
DA  N6    H62    sing N N 34  
DA  N1    C2     sing Y N 35  
DA  C2    N3     doub Y N 36  
DA  C2    H2     sing N N 37  
DA  N3    C4     sing Y N 38  
DC  OP3   P      sing N N 39  
DC  OP3   HOP3   sing N N 40  
DC  P     OP1    doub N N 41  
DC  P     OP2    sing N N 42  
DC  P     "O5'"  sing N N 43  
DC  OP2   HOP2   sing N N 44  
DC  "O5'" "C5'"  sing N N 45  
DC  "C5'" "C4'"  sing N N 46  
DC  "C5'" "H5'"  sing N N 47  
DC  "C5'" "H5''" sing N N 48  
DC  "C4'" "O4'"  sing N N 49  
DC  "C4'" "C3'"  sing N N 50  
DC  "C4'" "H4'"  sing N N 51  
DC  "O4'" "C1'"  sing N N 52  
DC  "C3'" "O3'"  sing N N 53  
DC  "C3'" "C2'"  sing N N 54  
DC  "C3'" "H3'"  sing N N 55  
DC  "O3'" "HO3'" sing N N 56  
DC  "C2'" "C1'"  sing N N 57  
DC  "C2'" "H2'"  sing N N 58  
DC  "C2'" "H2''" sing N N 59  
DC  "C1'" N1     sing N N 60  
DC  "C1'" "H1'"  sing N N 61  
DC  N1    C2     sing N N 62  
DC  N1    C6     sing N N 63  
DC  C2    O2     doub N N 64  
DC  C2    N3     sing N N 65  
DC  N3    C4     doub N N 66  
DC  C4    N4     sing N N 67  
DC  C4    C5     sing N N 68  
DC  N4    H41    sing N N 69  
DC  N4    H42    sing N N 70  
DC  C5    C6     doub N N 71  
DC  C5    H5     sing N N 72  
DC  C6    H6     sing N N 73  
DG  OP3   P      sing N N 74  
DG  OP3   HOP3   sing N N 75  
DG  P     OP1    doub N N 76  
DG  P     OP2    sing N N 77  
DG  P     "O5'"  sing N N 78  
DG  OP2   HOP2   sing N N 79  
DG  "O5'" "C5'"  sing N N 80  
DG  "C5'" "C4'"  sing N N 81  
DG  "C5'" "H5'"  sing N N 82  
DG  "C5'" "H5''" sing N N 83  
DG  "C4'" "O4'"  sing N N 84  
DG  "C4'" "C3'"  sing N N 85  
DG  "C4'" "H4'"  sing N N 86  
DG  "O4'" "C1'"  sing N N 87  
DG  "C3'" "O3'"  sing N N 88  
DG  "C3'" "C2'"  sing N N 89  
DG  "C3'" "H3'"  sing N N 90  
DG  "O3'" "HO3'" sing N N 91  
DG  "C2'" "C1'"  sing N N 92  
DG  "C2'" "H2'"  sing N N 93  
DG  "C2'" "H2''" sing N N 94  
DG  "C1'" N9     sing N N 95  
DG  "C1'" "H1'"  sing N N 96  
DG  N9    C8     sing Y N 97  
DG  N9    C4     sing Y N 98  
DG  C8    N7     doub Y N 99  
DG  C8    H8     sing N N 100 
DG  N7    C5     sing Y N 101 
DG  C5    C6     sing N N 102 
DG  C5    C4     doub Y N 103 
DG  C6    O6     doub N N 104 
DG  C6    N1     sing N N 105 
DG  N1    C2     sing N N 106 
DG  N1    H1     sing N N 107 
DG  C2    N2     sing N N 108 
DG  C2    N3     doub N N 109 
DG  N2    H21    sing N N 110 
DG  N2    H22    sing N N 111 
DG  N3    C4     sing N N 112 
DT  OP3   P      sing N N 113 
DT  OP3   HOP3   sing N N 114 
DT  P     OP1    doub N N 115 
DT  P     OP2    sing N N 116 
DT  P     "O5'"  sing N N 117 
DT  OP2   HOP2   sing N N 118 
DT  "O5'" "C5'"  sing N N 119 
DT  "C5'" "C4'"  sing N N 120 
DT  "C5'" "H5'"  sing N N 121 
DT  "C5'" "H5''" sing N N 122 
DT  "C4'" "O4'"  sing N N 123 
DT  "C4'" "C3'"  sing N N 124 
DT  "C4'" "H4'"  sing N N 125 
DT  "O4'" "C1'"  sing N N 126 
DT  "C3'" "O3'"  sing N N 127 
DT  "C3'" "C2'"  sing N N 128 
DT  "C3'" "H3'"  sing N N 129 
DT  "O3'" "HO3'" sing N N 130 
DT  "C2'" "C1'"  sing N N 131 
DT  "C2'" "H2'"  sing N N 132 
DT  "C2'" "H2''" sing N N 133 
DT  "C1'" N1     sing N N 134 
DT  "C1'" "H1'"  sing N N 135 
DT  N1    C2     sing N N 136 
DT  N1    C6     sing N N 137 
DT  C2    O2     doub N N 138 
DT  C2    N3     sing N N 139 
DT  N3    C4     sing N N 140 
DT  N3    H3     sing N N 141 
DT  C4    O4     doub N N 142 
DT  C4    C5     sing N N 143 
DT  C5    C7     sing N N 144 
DT  C5    C6     doub N N 145 
DT  C7    H71    sing N N 146 
DT  C7    H72    sing N N 147 
DT  C7    H73    sing N N 148 
DT  C6    H6     sing N N 149 
HOH O     H1     sing N N 150 
HOH O     H2     sing N N 151 
# 
_ndb_struct_conf_na.entry_id   295D 
_ndb_struct_conf_na.feature    'a-form double helix' 
# 
loop_
_ndb_struct_na_base_pair.model_number 
_ndb_struct_na_base_pair.i_label_asym_id 
_ndb_struct_na_base_pair.i_label_comp_id 
_ndb_struct_na_base_pair.i_label_seq_id 
_ndb_struct_na_base_pair.i_symmetry 
_ndb_struct_na_base_pair.j_label_asym_id 
_ndb_struct_na_base_pair.j_label_comp_id 
_ndb_struct_na_base_pair.j_label_seq_id 
_ndb_struct_na_base_pair.j_symmetry 
_ndb_struct_na_base_pair.shear 
_ndb_struct_na_base_pair.stretch 
_ndb_struct_na_base_pair.stagger 
_ndb_struct_na_base_pair.buckle 
_ndb_struct_na_base_pair.propeller 
_ndb_struct_na_base_pair.opening 
_ndb_struct_na_base_pair.pair_number 
_ndb_struct_na_base_pair.pair_name 
_ndb_struct_na_base_pair.i_auth_asym_id 
_ndb_struct_na_base_pair.i_auth_seq_id 
_ndb_struct_na_base_pair.i_PDB_ins_code 
_ndb_struct_na_base_pair.j_auth_asym_id 
_ndb_struct_na_base_pair.j_auth_seq_id 
_ndb_struct_na_base_pair.j_PDB_ins_code 
_ndb_struct_na_base_pair.hbond_type_28 
_ndb_struct_na_base_pair.hbond_type_12 
1 A DA 1 1_555 A DT 8 7_555 -0.015 -0.115 0.125 -3.487 -13.635 -1.572 1 A_DA1:DT8_A A 1 ? A 8 ? 20 1 
1 A DT 2 1_555 A DA 7 7_555 0.007  -0.176 0.384 0.492  -12.446 1.497  2 A_DT2:DA7_A A 2 ? A 7 ? 20 1 
1 A DG 3 1_555 A DC 6 7_555 -0.230 -0.136 0.118 -3.359 -8.773  -3.533 3 A_DG3:DC6_A A 3 ? A 6 ? 19 1 
1 A DC 4 1_555 A DG 5 7_555 0.033  0.236  0.587 -3.364 -10.365 -1.308 4 A_DC4:DG5_A A 4 ? A 5 ? 19 1 
1 A DG 5 1_555 A DC 4 7_555 -0.033 0.236  0.587 3.364  -10.365 -1.308 5 A_DG5:DC4_A A 5 ? A 4 ? 19 1 
1 A DC 6 1_555 A DG 3 7_555 0.230  -0.136 0.118 3.359  -8.773  -3.533 6 A_DC6:DG3_A A 6 ? A 3 ? 19 1 
1 A DA 7 1_555 A DT 2 7_555 -0.007 -0.176 0.384 -0.492 -12.446 1.497  7 A_DA7:DT2_A A 7 ? A 2 ? 20 1 
1 A DT 8 1_555 A DA 1 7_555 0.015  -0.115 0.125 3.487  -13.635 -1.572 8 A_DT8:DA1_A A 8 ? A 1 ? 20 1 
# 
loop_
_ndb_struct_na_base_pair_step.model_number 
_ndb_struct_na_base_pair_step.i_label_asym_id_1 
_ndb_struct_na_base_pair_step.i_label_comp_id_1 
_ndb_struct_na_base_pair_step.i_label_seq_id_1 
_ndb_struct_na_base_pair_step.i_symmetry_1 
_ndb_struct_na_base_pair_step.j_label_asym_id_1 
_ndb_struct_na_base_pair_step.j_label_comp_id_1 
_ndb_struct_na_base_pair_step.j_label_seq_id_1 
_ndb_struct_na_base_pair_step.j_symmetry_1 
_ndb_struct_na_base_pair_step.i_label_asym_id_2 
_ndb_struct_na_base_pair_step.i_label_comp_id_2 
_ndb_struct_na_base_pair_step.i_label_seq_id_2 
_ndb_struct_na_base_pair_step.i_symmetry_2 
_ndb_struct_na_base_pair_step.j_label_asym_id_2 
_ndb_struct_na_base_pair_step.j_label_comp_id_2 
_ndb_struct_na_base_pair_step.j_label_seq_id_2 
_ndb_struct_na_base_pair_step.j_symmetry_2 
_ndb_struct_na_base_pair_step.shift 
_ndb_struct_na_base_pair_step.slide 
_ndb_struct_na_base_pair_step.rise 
_ndb_struct_na_base_pair_step.tilt 
_ndb_struct_na_base_pair_step.roll 
_ndb_struct_na_base_pair_step.twist 
_ndb_struct_na_base_pair_step.x_displacement 
_ndb_struct_na_base_pair_step.y_displacement 
_ndb_struct_na_base_pair_step.helical_rise 
_ndb_struct_na_base_pair_step.inclination 
_ndb_struct_na_base_pair_step.tip 
_ndb_struct_na_base_pair_step.helical_twist 
_ndb_struct_na_base_pair_step.step_number 
_ndb_struct_na_base_pair_step.step_name 
_ndb_struct_na_base_pair_step.i_auth_asym_id_1 
_ndb_struct_na_base_pair_step.i_auth_seq_id_1 
_ndb_struct_na_base_pair_step.i_PDB_ins_code_1 
_ndb_struct_na_base_pair_step.j_auth_asym_id_1 
_ndb_struct_na_base_pair_step.j_auth_seq_id_1 
_ndb_struct_na_base_pair_step.j_PDB_ins_code_1 
_ndb_struct_na_base_pair_step.i_auth_asym_id_2 
_ndb_struct_na_base_pair_step.i_auth_seq_id_2 
_ndb_struct_na_base_pair_step.i_PDB_ins_code_2 
_ndb_struct_na_base_pair_step.j_auth_asym_id_2 
_ndb_struct_na_base_pair_step.j_auth_seq_id_2 
_ndb_struct_na_base_pair_step.j_PDB_ins_code_2 
1 A DA 1 1_555 A DT 8 7_555 A DT 2 1_555 A DA 7 7_555 0.538  -1.400 3.274 -1.561 7.370  32.460 -3.612 -1.186 2.867 12.967 2.747  
33.299 1 AA_DA1DT2:DA7DT8_AA A 1 ? A 8 ? A 2 ? A 7 ? 
1 A DT 2 1_555 A DA 7 7_555 A DG 3 1_555 A DC 6 7_555 -0.145 -1.645 3.159 1.165  10.636 30.154 -4.689 0.451  2.445 19.681 -2.157 
31.954 2 AA_DT2DG3:DC6DA7_AA A 2 ? A 7 ? A 3 ? A 6 ? 
1 A DG 3 1_555 A DC 6 7_555 A DC 4 1_555 A DG 5 7_555 0.153  -1.347 3.321 -1.416 2.161  37.738 -2.357 -0.419 3.234 3.337  2.186  
37.824 3 AA_DG3DC4:DG5DC6_AA A 3 ? A 6 ? A 4 ? A 5 ? 
1 A DC 4 1_555 A DG 5 7_555 A DG 5 1_555 A DC 4 7_555 0.000  -1.781 3.084 0.000  2.369  24.625 -4.818 0.000  2.902 5.539  0.000  
24.737 4 AA_DC4DG5:DC4DG5_AA A 4 ? A 5 ? A 5 ? A 4 ? 
1 A DG 5 1_555 A DC 4 7_555 A DC 6 1_555 A DG 3 7_555 -0.153 -1.347 3.321 1.416  2.161  37.738 -2.357 0.419  3.234 3.337  -2.186 
37.824 5 AA_DG5DC6:DG3DC4_AA A 5 ? A 4 ? A 6 ? A 3 ? 
1 A DC 6 1_555 A DG 3 7_555 A DA 7 1_555 A DT 2 7_555 0.145  -1.645 3.159 -1.165 10.636 30.154 -4.689 -0.451 2.445 19.681 2.157  
31.954 6 AA_DC6DA7:DT2DG3_AA A 6 ? A 3 ? A 7 ? A 2 ? 
1 A DA 7 1_555 A DT 2 7_555 A DT 8 1_555 A DA 1 7_555 -0.538 -1.400 3.274 1.561  7.370  32.460 -3.612 1.186  2.867 12.967 -2.747 
33.299 7 AA_DA7DT8:DA1DT2_AA A 7 ? A 2 ? A 8 ? A 1 ? 
# 
_atom_sites.entry_id                    295D 
_atom_sites.fract_transf_matrix[1][1]   0.02277182 
_atom_sites.fract_transf_matrix[1][2]   -0.00433276 
_atom_sites.fract_transf_matrix[1][3]   0.00433385 
_atom_sites.fract_transf_matrix[2][1]   0.00129822 
_atom_sites.fract_transf_matrix[2][2]   0.01970928 
_atom_sites.fract_transf_matrix[2][3]   0.01288291 
_atom_sites.fract_transf_matrix[3][1]   -0.01019869 
_atom_sites.fract_transf_matrix[3][2]   -0.02077791 
_atom_sites.fract_transf_matrix[3][3]   0.03281539 
_atom_sites.fract_transf_vector[1]      0.249856 
_atom_sites.fract_transf_vector[2]      0.235533 
_atom_sites.fract_transf_vector[3]      0.133300 
# 
loop_
_atom_type.symbol 
C 
N 
O 
P 
# 
loop_
_atom_site.group_PDB 
_atom_site.id 
_atom_site.type_symbol 
_atom_site.label_atom_id 
_atom_site.label_alt_id 
_atom_site.label_comp_id 
_atom_site.label_asym_id 
_atom_site.label_entity_id 
_atom_site.label_seq_id 
_atom_site.pdbx_PDB_ins_code 
_atom_site.Cartn_x 
_atom_site.Cartn_y 
_atom_site.Cartn_z 
_atom_site.occupancy 
_atom_site.B_iso_or_equiv 
_atom_site.pdbx_formal_charge 
_atom_site.auth_seq_id 
_atom_site.auth_comp_id 
_atom_site.auth_asym_id 
_atom_site.auth_atom_id 
_atom_site.pdbx_PDB_model_num 
ATOM   1   O "O5'" . DA  A 1 1 ? -2.164  -4.880  -13.828 1.00 16.39 ? 1  DA  A "O5'" 1 
ATOM   2   C "C5'" . DA  A 1 1 ? -2.139  -6.010  -14.740 1.00 16.39 ? 1  DA  A "C5'" 1 
ATOM   3   C "C4'" . DA  A 1 1 ? -1.158  -7.053  -14.245 1.00 16.39 ? 1  DA  A "C4'" 1 
ATOM   4   O "O4'" . DA  A 1 1 ? 0.135   -6.715  -14.723 1.00 16.39 ? 1  DA  A "O4'" 1 
ATOM   5   C "C3'" . DA  A 1 1 ? -0.989  -7.199  -12.743 1.00 16.39 ? 1  DA  A "C3'" 1 
ATOM   6   O "O3'" . DA  A 1 1 ? -1.991  -8.036  -12.145 1.00 16.39 ? 1  DA  A "O3'" 1 
ATOM   7   C "C2'" . DA  A 1 1 ? 0.448   -7.737  -12.615 1.00 16.39 ? 1  DA  A "C2'" 1 
ATOM   8   C "C1'" . DA  A 1 1 ? 1.147   -7.009  -13.738 1.00 16.39 ? 1  DA  A "C1'" 1 
ATOM   9   N N9    . DA  A 1 1 ? 1.788   -5.761  -13.273 1.00 16.39 ? 1  DA  A N9    1 
ATOM   10  C C8    . DA  A 1 1 ? 1.365   -4.475  -13.438 1.00 16.39 ? 1  DA  A C8    1 
ATOM   11  N N7    . DA  A 1 1 ? 2.167   -3.575  -12.924 1.00 16.39 ? 1  DA  A N7    1 
ATOM   12  C C5    . DA  A 1 1 ? 3.196   -4.327  -12.366 1.00 16.39 ? 1  DA  A C5    1 
ATOM   13  C C6    . DA  A 1 1 ? 4.373   -3.973  -11.658 1.00 16.39 ? 1  DA  A C6    1 
ATOM   14  N N6    . DA  A 1 1 ? 4.737   -2.733  -11.365 1.00 16.39 ? 1  DA  A N6    1 
ATOM   15  N N1    . DA  A 1 1 ? 5.147   -5.019  -11.262 1.00 16.39 ? 1  DA  A N1    1 
ATOM   16  C C2    . DA  A 1 1 ? 4.829   -6.313  -11.550 1.00 16.39 ? 1  DA  A C2    1 
ATOM   17  N N3    . DA  A 1 1 ? 3.746   -6.701  -12.205 1.00 16.39 ? 1  DA  A N3    1 
ATOM   18  C C4    . DA  A 1 1 ? 2.979   -5.674  -12.595 1.00 16.39 ? 1  DA  A C4    1 
ATOM   19  P P     . DT  A 1 2 ? -2.546  -7.690  -10.686 1.00 16.39 ? 2  DT  A P     1 
ATOM   20  O OP1   . DT  A 1 2 ? -3.637  -8.588  -10.227 1.00 16.39 ? 2  DT  A OP1   1 
ATOM   21  O OP2   . DT  A 1 2 ? -2.813  -6.231  -10.679 1.00 16.39 ? 2  DT  A OP2   1 
ATOM   22  O "O5'" . DT  A 1 2 ? -1.231  -8.076  -9.832  1.00 16.39 ? 2  DT  A "O5'" 1 
ATOM   23  C "C5'" . DT  A 1 2 ? -1.053  -9.419  -9.341  1.00 16.39 ? 2  DT  A "C5'" 1 
ATOM   24  C "C4'" . DT  A 1 2 ? 0.317   -9.416  -8.691  1.00 16.39 ? 2  DT  A "C4'" 1 
ATOM   25  O "O4'" . DT  A 1 2 ? 1.244   -8.662  -9.441  1.00 16.39 ? 2  DT  A "O4'" 1 
ATOM   26  C "C3'" . DT  A 1 2 ? 0.327   -8.763  -7.307  1.00 16.39 ? 2  DT  A "C3'" 1 
ATOM   27  O "O3'" . DT  A 1 2 ? -0.241  -9.609  -6.321  1.00 16.39 ? 2  DT  A "O3'" 1 
ATOM   28  C "C2'" . DT  A 1 2 ? 1.815   -8.456  -7.136  1.00 16.39 ? 2  DT  A "C2'" 1 
ATOM   29  C "C1'" . DT  A 1 2 ? 2.193   -8.024  -8.549  1.00 16.39 ? 2  DT  A "C1'" 1 
ATOM   30  N N1    . DT  A 1 2 ? 2.206   -6.562  -8.699  1.00 16.39 ? 2  DT  A N1    1 
ATOM   31  C C2    . DT  A 1 2 ? 3.292   -5.870  -8.182  1.00 16.39 ? 2  DT  A C2    1 
ATOM   32  O O2    . DT  A 1 2 ? 4.189   -6.495  -7.611  1.00 16.39 ? 2  DT  A O2    1 
ATOM   33  N N3    . DT  A 1 2 ? 3.288   -4.519  -8.309  1.00 16.39 ? 2  DT  A N3    1 
ATOM   34  C C4    . DT  A 1 2 ? 2.317   -3.798  -8.919  1.00 16.39 ? 2  DT  A C4    1 
ATOM   35  O O4    . DT  A 1 2 ? 2.463   -2.540  -8.964  1.00 16.39 ? 2  DT  A O4    1 
ATOM   36  C C5    . DT  A 1 2 ? 1.215   -4.528  -9.468  1.00 16.39 ? 2  DT  A C5    1 
ATOM   37  C C7    . DT  A 1 2 ? 0.083   -3.813  -10.168 1.00 16.39 ? 2  DT  A C7    1 
ATOM   38  C C6    . DT  A 1 2 ? 1.209   -5.858  -9.318  1.00 16.39 ? 2  DT  A C6    1 
ATOM   39  P P     . DG  A 1 3 ? -0.972  -8.963  -5.039  1.00 16.39 ? 3  DG  A P     1 
ATOM   40  O OP1   . DG  A 1 3 ? -1.624  -10.167 -4.459  1.00 16.39 ? 3  DG  A OP1   1 
ATOM   41  O OP2   . DG  A 1 3 ? -1.807  -7.802  -5.380  1.00 16.39 ? 3  DG  A OP2   1 
ATOM   42  O "O5'" . DG  A 1 3 ? 0.259   -8.486  -4.114  1.00 16.39 ? 3  DG  A "O5'" 1 
ATOM   43  C "C5'" . DG  A 1 3 ? 1.087   -9.470  -3.447  1.00 16.39 ? 3  DG  A "C5'" 1 
ATOM   44  C "C4'" . DG  A 1 3 ? 2.315   -8.682  -2.998  1.00 16.39 ? 3  DG  A "C4'" 1 
ATOM   45  O "O4'" . DG  A 1 3 ? 2.887   -7.973  -4.072  1.00 16.39 ? 3  DG  A "O4'" 1 
ATOM   46  C "C3'" . DG  A 1 3 ? 1.985   -7.633  -1.945  1.00 16.39 ? 3  DG  A "C3'" 1 
ATOM   47  O "O3'" . DG  A 1 3 ? 1.935   -8.211  -0.646  1.00 16.39 ? 3  DG  A "O3'" 1 
ATOM   48  C "C2'" . DG  A 1 3 ? 3.125   -6.638  -2.092  1.00 16.39 ? 3  DG  A "C2'" 1 
ATOM   49  C "C1'" . DG  A 1 3 ? 3.459   -6.745  -3.561  1.00 16.39 ? 3  DG  A "C1'" 1 
ATOM   50  N N9    . DG  A 1 3 ? 2.968   -5.552  -4.267  1.00 16.39 ? 3  DG  A N9    1 
ATOM   51  C C8    . DG  A 1 3 ? 1.919   -5.368  -5.125  1.00 16.39 ? 3  DG  A C8    1 
ATOM   52  N N7    . DG  A 1 3 ? 1.811   -4.145  -5.596  1.00 16.39 ? 3  DG  A N7    1 
ATOM   53  C C5    . DG  A 1 3 ? 2.886   -3.477  -4.995  1.00 16.39 ? 3  DG  A C5    1 
ATOM   54  C C6    . DG  A 1 3 ? 3.322   -2.138  -5.093  1.00 16.39 ? 3  DG  A C6    1 
ATOM   55  O O6    . DG  A 1 3 ? 2.829   -1.243  -5.783  1.00 16.39 ? 3  DG  A O6    1 
ATOM   56  N N1    . DG  A 1 3 ? 4.445   -1.863  -4.345  1.00 16.39 ? 3  DG  A N1    1 
ATOM   57  C C2    . DG  A 1 3 ? 5.061   -2.793  -3.575  1.00 16.39 ? 3  DG  A C2    1 
ATOM   58  N N2    . DG  A 1 3 ? 6.135   -2.424  -2.874  1.00 16.39 ? 3  DG  A N2    1 
ATOM   59  N N3    . DG  A 1 3 ? 4.692   -4.066  -3.438  1.00 16.39 ? 3  DG  A N3    1 
ATOM   60  C C4    . DG  A 1 3 ? 3.605   -4.333  -4.201  1.00 16.39 ? 3  DG  A C4    1 
ATOM   61  P P     . DC  A 1 4 ? 1.146   -7.601  0.559   1.00 16.39 ? 4  DC  A P     1 
ATOM   62  O OP1   . DC  A 1 4 ? 0.881   -8.654  1.544   1.00 16.39 ? 4  DC  A OP1   1 
ATOM   63  O OP2   . DC  A 1 4 ? -0.070  -6.982  -0.073  1.00 16.39 ? 4  DC  A OP2   1 
ATOM   64  O "O5'" . DC  A 1 4 ? 2.061   -6.427  1.170   1.00 16.39 ? 4  DC  A "O5'" 1 
ATOM   65  C "C5'" . DC  A 1 4 ? 3.441   -6.677  1.514   1.00 16.39 ? 4  DC  A "C5'" 1 
ATOM   66  C "C4'" . DC  A 1 4 ? 4.130   -5.340  1.721   1.00 16.39 ? 4  DC  A "C4'" 1 
ATOM   67  O "O4'" . DC  A 1 4 ? 4.389   -4.709  0.488   1.00 16.39 ? 4  DC  A "O4'" 1 
ATOM   68  C "C3'" . DC  A 1 4 ? 3.315   -4.333  2.535   1.00 16.39 ? 4  DC  A "C3'" 1 
ATOM   69  O "O3'" . DC  A 1 4 ? 3.453   -4.556  3.942   1.00 16.39 ? 4  DC  A "O3'" 1 
ATOM   70  C "C2'" . DC  A 1 4 ? 3.899   -3.006  2.085   1.00 16.39 ? 4  DC  A "C2'" 1 
ATOM   71  C "C1'" . DC  A 1 4 ? 4.285   -3.281  0.658   1.00 16.39 ? 4  DC  A "C1'" 1 
ATOM   72  N N1    . DC  A 1 4 ? 3.270   -2.765  -0.278  1.00 16.39 ? 4  DC  A N1    1 
ATOM   73  C C2    . DC  A 1 4 ? 3.394   -1.454  -0.658  1.00 16.39 ? 4  DC  A C2    1 
ATOM   74  O O2    . DC  A 1 4 ? 4.303   -0.767  -0.200  1.00 16.39 ? 4  DC  A O2    1 
ATOM   75  N N3    . DC  A 1 4 ? 2.479   -0.941  -1.538  1.00 16.39 ? 4  DC  A N3    1 
ATOM   76  C C4    . DC  A 1 4 ? 1.468   -1.698  -2.039  1.00 16.39 ? 4  DC  A C4    1 
ATOM   77  N N4    . DC  A 1 4 ? 0.551   -1.251  -2.910  1.00 16.39 ? 4  DC  A N4    1 
ATOM   78  C C5    . DC  A 1 4 ? 1.354   -3.057  -1.624  1.00 16.39 ? 4  DC  A C5    1 
ATOM   79  C C6    . DC  A 1 4 ? 2.261   -3.537  -0.773  1.00 16.39 ? 4  DC  A C6    1 
ATOM   80  P P     . DG  A 1 5 ? 2.552   -3.893  5.044   1.00 16.39 ? 5  DG  A P     1 
ATOM   81  O OP1   . DG  A 1 5 ? 2.943   -4.475  6.354   1.00 16.39 ? 5  DG  A OP1   1 
ATOM   82  O OP2   . DG  A 1 5 ? 1.103   -3.938  4.840   1.00 16.39 ? 5  DG  A OP2   1 
ATOM   83  O "O5'" . DG  A 1 5 ? 3.082   -2.380  5.067   1.00 16.39 ? 5  DG  A "O5'" 1 
ATOM   84  C "C5'" . DG  A 1 5 ? 2.191   -1.236  5.192   1.00 16.39 ? 5  DG  A "C5'" 1 
ATOM   85  C "C4'" . DG  A 1 5 ? 3.069   -0.028  4.925   1.00 16.39 ? 5  DG  A "C4'" 1 
ATOM   86  O "O4'" . DG  A 1 5 ? 3.478   -0.066  3.590   1.00 16.39 ? 5  DG  A "O4'" 1 
ATOM   87  C "C3'" . DG  A 1 5 ? 2.420   1.348   5.120   1.00 16.39 ? 5  DG  A "C3'" 1 
ATOM   88  O "O3'" . DG  A 1 5 ? 2.721   1.851   6.417   1.00 16.39 ? 5  DG  A "O3'" 1 
ATOM   89  C "C2'" . DG  A 1 5 ? 3.000   2.173   3.978   1.00 16.39 ? 5  DG  A "C2'" 1 
ATOM   90  C "C1'" . DG  A 1 5 ? 3.205   1.137   2.880   1.00 16.39 ? 5  DG  A "C1'" 1 
ATOM   91  N N9    . DG  A 1 5 ? 2.043   1.015   1.988   1.00 16.39 ? 5  DG  A N9    1 
ATOM   92  C C8    . DG  A 1 5 ? 1.236   -0.065  1.757   1.00 16.39 ? 5  DG  A C8    1 
ATOM   93  N N7    . DG  A 1 5 ? 0.324   0.133   0.840   1.00 16.39 ? 5  DG  A N7    1 
ATOM   94  C C5    . DG  A 1 5 ? 0.566   1.454   0.426   1.00 16.39 ? 5  DG  A C5    1 
ATOM   95  C C6    . DG  A 1 5 ? -0.069  2.261   -0.550  1.00 16.39 ? 5  DG  A C6    1 
ATOM   96  O O6    . DG  A 1 5 ? -1.061  1.892   -1.198  1.00 16.39 ? 5  DG  A O6    1 
ATOM   97  N N1    . DG  A 1 5 ? 0.438   3.524   -0.686  1.00 16.39 ? 5  DG  A N1    1 
ATOM   98  C C2    . DG  A 1 5 ? 1.504   3.950   0.052   1.00 16.39 ? 5  DG  A C2    1 
ATOM   99  N N2    . DG  A 1 5 ? 1.914   5.209   -0.177  1.00 16.39 ? 5  DG  A N2    1 
ATOM   100 N N3    . DG  A 1 5 ? 2.148   3.235   0.979   1.00 16.39 ? 5  DG  A N3    1 
ATOM   101 C C4    . DG  A 1 5 ? 1.632   1.995   1.113   1.00 16.39 ? 5  DG  A C4    1 
ATOM   102 P P     . DC  A 1 6 ? 1.519   2.456   7.335   1.00 16.39 ? 6  DC  A P     1 
ATOM   103 O OP1   . DC  A 1 6 ? 2.088   2.711   8.689   1.00 16.39 ? 6  DC  A OP1   1 
ATOM   104 O OP2   . DC  A 1 6 ? 0.494   1.449   7.287   1.00 16.39 ? 6  DC  A OP2   1 
ATOM   105 O "O5'" . DC  A 1 6 ? 1.375   3.808   6.492   1.00 16.39 ? 6  DC  A "O5'" 1 
ATOM   106 C "C5'" . DC  A 1 6 ? 2.285   4.886   6.848   1.00 16.39 ? 6  DC  A "C5'" 1 
ATOM   107 C "C4'" . DC  A 1 6 ? 1.952   5.997   5.879   1.00 16.39 ? 6  DC  A "C4'" 1 
ATOM   108 O "O4'" . DC  A 1 6 ? 1.943   5.479   4.576   1.00 16.39 ? 6  DC  A "O4'" 1 
ATOM   109 C "C3'" . DC  A 1 6 ? 0.553   6.589   5.999   1.00 16.39 ? 6  DC  A "C3'" 1 
ATOM   110 O "O3'" . DC  A 1 6 ? 0.434   7.472   7.114   1.00 16.39 ? 6  DC  A "O3'" 1 
ATOM   111 C "C2'" . DC  A 1 6 ? 0.411   7.295   4.662   1.00 16.39 ? 6  DC  A "C2'" 1 
ATOM   112 C "C1'" . DC  A 1 6 ? 1.050   6.275   3.745   1.00 16.39 ? 6  DC  A "C1'" 1 
ATOM   113 N N1    . DC  A 1 6 ? 0.072   5.381   3.122   1.00 16.39 ? 6  DC  A N1    1 
ATOM   114 C C2    . DC  A 1 6 ? -0.693  5.851   2.076   1.00 16.39 ? 6  DC  A C2    1 
ATOM   115 O O2    . DC  A 1 6 ? -0.535  7.000   1.654   1.00 16.39 ? 6  DC  A O2    1 
ATOM   116 N N3    . DC  A 1 6 ? -1.552  4.957   1.490   1.00 16.39 ? 6  DC  A N3    1 
ATOM   117 C C4    . DC  A 1 6 ? -1.737  3.707   1.954   1.00 16.39 ? 6  DC  A C4    1 
ATOM   118 N N4    . DC  A 1 6 ? -2.614  2.878   1.369   1.00 16.39 ? 6  DC  A N4    1 
ATOM   119 C C5    . DC  A 1 6 ? -0.980  3.232   3.062   1.00 16.39 ? 6  DC  A C5    1 
ATOM   120 C C6    . DC  A 1 6 ? -0.082  4.099   3.593   1.00 16.39 ? 6  DC  A C6    1 
ATOM   121 P P     . DA  A 1 7 ? -1.017  7.604   7.741   1.00 16.39 ? 7  DA  A P     1 
ATOM   122 O OP1   . DA  A 1 7 ? -0.675  8.238   9.096   1.00 16.39 ? 7  DA  A OP1   1 
ATOM   123 O OP2   . DA  A 1 7 ? -1.635  6.221   7.831   1.00 16.39 ? 7  DA  A OP2   1 
ATOM   124 O "O5'" . DA  A 1 7 ? -1.817  8.549   6.796   1.00 16.39 ? 7  DA  A "O5'" 1 
ATOM   125 C "C5'" . DA  A 1 7 ? -1.373  9.833   6.324   1.00 16.39 ? 7  DA  A "C5'" 1 
ATOM   126 C "C4'" . DA  A 1 7 ? -2.219  10.338  5.186   1.00 16.39 ? 7  DA  A "C4'" 1 
ATOM   127 O "O4'" . DA  A 1 7 ? -2.086  9.479   4.065   1.00 16.39 ? 7  DA  A "O4'" 1 
ATOM   128 C "C3'" . DA  A 1 7 ? -3.723  10.401  5.419   1.00 16.39 ? 7  DA  A "C3'" 1 
ATOM   129 O "O3'" . DA  A 1 7 ? -4.141  11.571  6.155   1.00 16.39 ? 7  DA  A "O3'" 1 
ATOM   130 C "C2'" . DA  A 1 7 ? -4.277  10.388  4.004   1.00 16.39 ? 7  DA  A "C2'" 1 
ATOM   131 C "C1'" . DA  A 1 7 ? -3.298  9.476   3.299   1.00 16.39 ? 7  DA  A "C1'" 1 
ATOM   132 N N9    . DA  A 1 7 ? -3.750  8.075   3.212   1.00 16.39 ? 7  DA  A N9    1 
ATOM   133 C C8    . DA  A 1 7 ? -3.318  7.021   3.951   1.00 16.39 ? 7  DA  A C8    1 
ATOM   134 N N7    . DA  A 1 7 ? -3.867  5.876   3.640   1.00 16.39 ? 7  DA  A N7    1 
ATOM   135 C C5    . DA  A 1 7 ? -4.740  6.208   2.606   1.00 16.39 ? 7  DA  A C5    1 
ATOM   136 C C6    . DA  A 1 7 ? -5.630  5.441   1.827   1.00 16.39 ? 7  DA  A C6    1 
ATOM   137 N N6    . DA  A 1 7 ? -5.810  4.127   1.923   1.00 16.39 ? 7  DA  A N6    1 
ATOM   138 N N1    . DA  A 1 7 ? -6.316  6.181   0.911   1.00 16.39 ? 7  DA  A N1    1 
ATOM   139 C C2    . DA  A 1 7 ? -6.169  7.509   0.728   1.00 16.39 ? 7  DA  A C2    1 
ATOM   140 N N3    . DA  A 1 7 ? -5.371  8.301   1.432   1.00 16.39 ? 7  DA  A N3    1 
ATOM   141 C C4    . DA  A 1 7 ? -4.681  7.563   2.335   1.00 16.39 ? 7  DA  A C4    1 
ATOM   142 P P     . DT  A 1 8 ? -5.406  11.433  7.106   1.00 16.39 ? 8  DT  A P     1 
ATOM   143 O OP1   . DT  A 1 8 ? -5.246  12.683  8.043   1.00 16.39 ? 8  DT  A OP1   1 
ATOM   144 O OP2   . DT  A 1 8 ? -5.310  10.263  7.947   1.00 16.39 ? 8  DT  A OP2   1 
ATOM   145 O "O5'" . DT  A 1 8 ? -6.606  11.713  6.193   1.00 16.39 ? 8  DT  A "O5'" 1 
ATOM   146 C "C5'" . DT  A 1 8 ? -6.655  12.647  5.096   1.00 16.39 ? 8  DT  A "C5'" 1 
ATOM   147 C "C4'" . DT  A 1 8 ? -7.979  12.448  4.378   1.00 16.39 ? 8  DT  A "C4'" 1 
ATOM   148 O "O4'" . DT  A 1 8 ? -7.773  11.490  3.354   1.00 16.39 ? 8  DT  A "O4'" 1 
ATOM   149 C "C3'" . DT  A 1 8 ? -9.127  11.919  5.217   1.00 16.39 ? 8  DT  A "C3'" 1 
ATOM   150 O "O3'" . DT  A 1 8 ? -9.969  12.946  5.757   1.00 16.39 ? 8  DT  A "O3'" 1 
ATOM   151 C "C2'" . DT  A 1 8 ? -9.935  11.066  4.251   1.00 16.39 ? 8  DT  A "C2'" 1 
ATOM   152 C "C1'" . DT  A 1 8 ? -8.915  10.643  3.219   1.00 16.39 ? 8  DT  A "C1'" 1 
ATOM   153 N N1    . DT  A 1 8 ? -8.608  9.226   3.495   1.00 16.39 ? 8  DT  A N1    1 
ATOM   154 C C2    . DT  A 1 8 ? -9.279  8.266   2.756   1.00 16.39 ? 8  DT  A C2    1 
ATOM   155 O O2    . DT  A 1 8 ? -10.058 8.608   1.868   1.00 16.39 ? 8  DT  A O2    1 
ATOM   156 N N3    . DT  A 1 8 ? -8.974  6.974   3.049   1.00 16.39 ? 8  DT  A N3    1 
ATOM   157 C C4    . DT  A 1 8 ? -8.122  6.584   4.018   1.00 16.39 ? 8  DT  A C4    1 
ATOM   158 O O4    . DT  A 1 8 ? -7.916  5.360   4.231   1.00 16.39 ? 8  DT  A O4    1 
ATOM   159 C C5    . DT  A 1 8 ? -7.475  7.606   4.803   1.00 16.39 ? 8  DT  A C5    1 
ATOM   160 C C7    . DT  A 1 8 ? -6.488  7.269   5.878   1.00 16.39 ? 8  DT  A C7    1 
ATOM   161 C C6    . DT  A 1 8 ? -7.750  8.867   4.485   1.00 16.39 ? 8  DT  A C6    1 
HETATM 162 O O     . HOH B 2 . ? 4.679   4.856   1.786   1.00 16.39 ? 9  HOH A O     1 
HETATM 163 O O     . HOH B 2 . ? -5.153  1.721   -1.277  1.00 16.39 ? 10 HOH A O     1 
HETATM 164 O O     . HOH B 2 . ? 8.944   -5.829  -4.748  1.00 16.39 ? 11 HOH A O     1 
HETATM 165 O O     . HOH B 2 . ? -3.064  0.636   -1.784  1.00 16.39 ? 12 HOH A O     1 
HETATM 166 O O     . HOH B 2 . ? 6.130   3.406   6.535   1.00 16.39 ? 13 HOH A O     1 
HETATM 167 O O     . HOH B 2 . ? -1.340  5.998   10.719  1.00 16.39 ? 14 HOH A O     1 
HETATM 168 O O     . HOH B 2 . ? 6.767   -5.579  -2.084  1.00 16.39 ? 15 HOH A O     1 
HETATM 169 O O     . HOH B 2 . ? -6.372  3.593   5.700   1.00 16.39 ? 16 HOH A O     1 
HETATM 170 O O     . HOH B 2 . ? 8.455   -7.642  0.878   1.00 16.39 ? 17 HOH A O     1 
HETATM 171 O O     . HOH B 2 . ? -1.854  -5.618  -6.846  1.00 16.39 ? 18 HOH A O     1 
HETATM 172 O O     . HOH B 2 . ? 0.992   -7.370  4.162   1.00 16.39 ? 19 HOH A O     1 
HETATM 173 O O     . HOH B 2 . ? -2.338  -3.168  -3.241  1.00 16.39 ? 20 HOH A O     1 
HETATM 174 O O     . HOH B 2 . ? 2.861   -10.894 0.604   1.00 16.39 ? 21 HOH A O     1 
HETATM 175 O O     . HOH B 2 . ? -3.292  -3.994  -11.927 1.00 16.39 ? 22 HOH A O     1 
HETATM 176 O O     . HOH B 2 . ? -2.741  -0.360  3.278   1.00 16.39 ? 23 HOH A O     1 
HETATM 177 O O     . HOH B 2 . ? 4.299   0.368   8.270   1.00 16.39 ? 24 HOH A O     1 
HETATM 178 O O     . HOH B 2 . ? 4.442   -7.273  5.305   1.00 16.39 ? 25 HOH A O     1 
HETATM 179 O O     . HOH B 2 . ? -1.183  0.226   5.181   1.00 16.39 ? 26 HOH A O     1 
HETATM 180 O O     . HOH B 2 . ? 0.810   4.775   10.247  1.00 16.39 ? 27 HOH A O     1 
HETATM 181 O O     . HOH B 2 . ? 5.280   7.491   8.599   1.00 16.39 ? 28 HOH A O     1 
HETATM 182 O O     . HOH B 2 . ? 6.329   -7.726  3.612   1.00 16.39 ? 29 HOH A O     1 
HETATM 183 O O     . HOH B 2 . ? -5.959  -6.986  -6.693  1.00 16.39 ? 30 HOH A O     1 
HETATM 184 O O     . HOH B 2 . ? -5.593  2.439   -3.698  1.00 16.39 ? 31 HOH A O     1 
HETATM 185 O O     . HOH B 2 . ? -9.544  12.546  9.261   1.00 16.39 ? 32 HOH A O     1 
HETATM 186 O O     . HOH B 2 . ? 2.703   0.135   -13.429 1.00 16.39 ? 33 HOH A O     1 
HETATM 187 O O     . HOH B 2 . ? -2.223  3.818   7.065   1.00 16.39 ? 34 HOH A O     1 
HETATM 188 O O     . HOH B 2 . ? 4.682   -3.388  7.992   1.00 16.39 ? 35 HOH A O     1 
HETATM 189 O O     . HOH B 2 . ? 5.234   -0.997  10.116  1.00 16.39 ? 36 HOH A O     1 
HETATM 190 O O     . HOH B 2 . ? -0.357  -2.661  2.388   1.00 16.39 ? 37 HOH A O     1 
HETATM 191 O O     . HOH B 2 . ? 5.440   5.540   4.193   1.00 16.39 ? 38 HOH A O     1 
HETATM 192 O O     . HOH B 2 . ? -1.943  3.197   10.974  1.00 16.39 ? 39 HOH A O     1 
HETATM 193 O O     . HOH B 2 . ? -1.212  -2.867  7.486   1.00 16.39 ? 40 HOH A O     1 
HETATM 194 O O     . HOH B 2 . ? -1.869  -4.594  5.491   1.00 16.39 ? 41 HOH A O     1 
HETATM 195 O O     . HOH B 2 . ? -5.889  7.383   9.283   1.00 16.39 ? 42 HOH A O     1 
HETATM 196 O O     . HOH B 2 . ? 3.448   3.418   10.738  1.00 16.39 ? 43 HOH A O     1 
HETATM 197 O O     . HOH B 2 . ? 4.655   8.663   5.115   1.00 16.39 ? 44 HOH A O     1 
HETATM 198 O O     . HOH B 2 . ? 5.505   -13.182 3.207   1.00 16.39 ? 45 HOH A O     1 
HETATM 199 O O     . HOH B 2 . ? -7.179  13.917  9.509   1.00 16.39 ? 46 HOH A O     1 
HETATM 200 O O     . HOH B 2 . ? 2.582   -9.097  5.318   1.00 16.39 ? 47 HOH A O     1 
HETATM 201 O O     . HOH B 2 . ? 7.604   5.748   8.703   1.00 16.39 ? 48 HOH A O     1 
HETATM 202 O O     . HOH B 2 . ? -0.528  -8.805  5.542   1.00 16.39 ? 49 HOH A O     1 
HETATM 203 O O     . HOH B 2 . ? -1.638  -5.874  -3.643  1.00 16.39 ? 50 HOH A O     1 
HETATM 204 O O     . HOH B 2 . ? 6.491   -8.821  -0.436  1.00 16.39 ? 51 HOH A O     1 
HETATM 205 O O     . HOH B 2 . ? -3.532  -3.452  -6.645  1.00 16.39 ? 52 HOH A O     1 
HETATM 206 O O     . HOH B 2 . ? -8.643  -2.986  0.290   1.00 16.39 ? 53 HOH A O     1 
HETATM 207 O O     . HOH B 2 . ? -5.345  -5.055  -9.079  1.00 16.39 ? 54 HOH A O     1 
HETATM 208 O O     . HOH B 2 . ? 6.279   10.063  10.681  1.00 16.39 ? 55 HOH A O     1 
HETATM 209 O O     . HOH B 2 . ? -3.670  -2.677  3.097   1.00 16.39 ? 56 HOH A O     1 
HETATM 210 O O     . HOH B 2 . ? 4.312   -10.482 3.172   1.00 16.39 ? 57 HOH A O     1 
HETATM 211 O O     . HOH B 2 . ? 7.717   13.532  6.151   1.00 16.39 ? 58 HOH A O     1 
HETATM 212 O O     . HOH B 2 . ? -0.219  1.345   10.398  1.00 16.39 ? 59 HOH A O     1 
HETATM 213 O O     . HOH B 2 . ? 8.537   4.847   6.146   1.00 16.39 ? 60 HOH A O     1 
# 
